data_6T3Q
#
_entry.id   6T3Q
#
_cell.length_a   70.009
_cell.length_b   71.290
_cell.length_c   72.572
_cell.angle_alpha   90.000
_cell.angle_beta   100.585
_cell.angle_gamma   90.000
#
_symmetry.space_group_name_H-M   'C 1 2 1'
#
loop_
_entity.id
_entity.type
_entity.pdbx_description
1 polymer Prothrombin
2 polymer Prothrombin
3 polymer 'Hirudin variant-2'
4 non-polymer 2-acetamido-2-deoxy-beta-D-glucopyranose
5 non-polymer 'PHOSPHATE ION'
6 non-polymer GLYCEROL
7 non-polymer 'SODIUM ION'
8 non-polymer (2~{S})-1-[(2~{R})-2-azanyl-3-phenyl-propanoyl]-~{N}-[(2-azanylpyridin-4-yl)methyl]pyrrolidine-2-carboxamide
9 water water
#
loop_
_entity_poly.entity_id
_entity_poly.type
_entity_poly.pdbx_seq_one_letter_code
_entity_poly.pdbx_strand_id
1 'polypeptide(L)' TFGSGEADCGLRPLFEKKSLEDKTERELLESYIDGR L
2 'polypeptide(L)'
;IVEGSDAEIGMSPWQVMLFRKSPQELLCGASLISDRWVLTAAHCLLYPPWDKNFTENDLLVRIGKHSRTRYERNIEKISM
LEKIYIHPRYNWRENLDRDIALMKLKKPVAFSDYIHPVCLPDRETAASLLQAGYKGRVTGWGNLKETWTANVGKGQPSVL
QVVNLPIVERPVCKDSTRIRITDNMFCAGYKPDEGKRGDACEGDSGGPFVMKSPFNNRWYQMGIVSWGEGCDRDGKYGFY
THVFRLKKWIQKVIDQFGE
;
H
3 'polypeptide(L)' DFEEIPEE(TYS)LQ I
#
# COMPACT_ATOMS: atom_id res chain seq x y z
N GLU A 6 1.06 2.50 -17.10
CA GLU A 6 2.09 1.94 -18.03
C GLU A 6 1.59 0.64 -18.63
N ALA A 7 1.91 0.40 -19.91
CA ALA A 7 1.48 -0.82 -20.57
C ALA A 7 2.04 -2.06 -19.88
N ASP A 8 3.15 -1.93 -19.16
CA ASP A 8 3.79 -3.04 -18.47
C ASP A 8 3.46 -3.09 -16.98
N CYS A 9 2.48 -2.31 -16.52
CA CYS A 9 2.22 -2.25 -15.09
C CYS A 9 1.85 -3.62 -14.56
N GLY A 10 2.20 -3.86 -13.30
CA GLY A 10 1.68 -5.02 -12.61
C GLY A 10 2.30 -6.35 -12.99
N LEU A 11 3.35 -6.34 -13.81
CA LEU A 11 4.06 -7.54 -14.22
C LEU A 11 5.46 -7.45 -13.61
N ARG A 12 5.74 -8.30 -12.64
CA ARG A 12 6.99 -8.15 -11.87
C ARG A 12 8.17 -8.74 -12.64
N PRO A 13 9.29 -8.01 -12.73
CA PRO A 13 10.48 -8.54 -13.43
C PRO A 13 10.92 -9.92 -12.94
N LEU A 14 10.85 -10.19 -11.63
CA LEU A 14 11.38 -11.44 -11.09
C LEU A 14 10.33 -12.53 -10.98
N PHE A 15 9.09 -12.25 -11.39
CA PHE A 15 8.02 -13.23 -11.31
C PHE A 15 7.30 -13.33 -12.65
N GLU A 16 6.27 -12.53 -12.89
CA GLU A 16 5.49 -12.70 -14.12
C GLU A 16 6.37 -12.60 -15.35
N LYS A 17 7.34 -11.68 -15.38
CA LYS A 17 8.12 -11.48 -16.59
C LYS A 17 8.95 -12.71 -16.93
N LYS A 18 9.25 -13.56 -15.95
N LYS A 18 9.27 -13.56 -15.96
CA LYS A 18 10.03 -14.79 -16.10
CA LYS A 18 10.02 -14.79 -16.24
C LYS A 18 9.17 -16.05 -16.05
C LYS A 18 9.18 -16.04 -15.93
N SER A 19 7.86 -15.90 -15.87
CA SER A 19 6.95 -17.02 -15.59
C SER A 19 7.38 -17.80 -14.34
N LEU A 20 7.72 -17.09 -13.28
CA LEU A 20 7.93 -17.68 -11.96
C LEU A 20 6.84 -17.17 -11.03
N GLU A 21 6.35 -18.04 -10.17
CA GLU A 21 5.32 -17.67 -9.20
C GLU A 21 5.94 -17.49 -7.82
N ASP A 22 5.38 -16.55 -7.07
CA ASP A 22 5.79 -16.38 -5.68
C ASP A 22 5.10 -17.45 -4.82
N LYS A 23 5.53 -17.56 -3.56
CA LYS A 23 5.14 -18.71 -2.75
C LYS A 23 3.69 -18.68 -2.30
N THR A 24 3.00 -17.53 -2.36
CA THR A 24 1.62 -17.49 -1.87
C THR A 24 0.61 -16.91 -2.85
N GLU A 25 1.00 -16.57 -4.08
CA GLU A 25 0.01 -16.00 -4.99
C GLU A 25 -1.09 -16.99 -5.30
N ARG A 26 -0.80 -18.29 -5.24
CA ARG A 26 -1.85 -19.28 -5.49
C ARG A 26 -2.99 -19.15 -4.47
N GLU A 27 -2.69 -18.76 -3.22
CA GLU A 27 -3.74 -18.56 -2.23
C GLU A 27 -4.72 -17.49 -2.69
N LEU A 28 -4.21 -16.46 -3.34
CA LEU A 28 -5.11 -15.43 -3.89
C LEU A 28 -5.96 -16.01 -4.99
N LEU A 29 -5.34 -16.70 -5.94
CA LEU A 29 -6.08 -17.27 -7.06
C LEU A 29 -7.19 -18.18 -6.57
N GLU A 30 -6.89 -19.03 -5.58
CA GLU A 30 -7.89 -19.97 -5.10
C GLU A 30 -9.08 -19.27 -4.47
N SER A 31 -8.92 -18.05 -3.98
CA SER A 31 -10.03 -17.29 -3.39
C SER A 31 -10.90 -16.62 -4.44
N TYR A 32 -10.46 -16.58 -5.71
CA TYR A 32 -11.19 -15.87 -6.76
C TYR A 32 -12.14 -16.87 -7.41
N ILE A 33 -13.30 -17.06 -6.78
CA ILE A 33 -14.15 -18.21 -7.10
C ILE A 33 -15.21 -17.89 -8.16
N ASP A 34 -14.92 -16.96 -9.06
CA ASP A 34 -15.81 -16.66 -10.20
C ASP A 34 -15.05 -16.47 -11.51
N ILE B 1 3.10 -5.03 9.88
CA ILE B 1 2.26 -6.16 9.47
C ILE B 1 2.32 -7.21 10.58
N VAL B 2 1.15 -7.65 11.05
CA VAL B 2 1.05 -8.65 12.12
C VAL B 2 0.73 -9.98 11.48
N GLU B 3 1.45 -11.02 11.90
CA GLU B 3 1.20 -12.39 11.47
C GLU B 3 1.39 -12.58 9.96
N GLY B 4 2.31 -11.82 9.38
CA GLY B 4 2.75 -11.99 8.02
C GLY B 4 4.06 -12.74 7.93
N SER B 5 4.72 -12.60 6.79
N SER B 5 4.73 -12.60 6.80
CA SER B 5 5.98 -13.28 6.53
CA SER B 5 5.99 -13.26 6.56
C SER B 5 6.92 -12.31 5.81
C SER B 5 6.92 -12.34 5.78
N ASP B 6 8.21 -12.69 5.76
CA ASP B 6 9.17 -11.93 4.99
C ASP B 6 8.81 -11.99 3.52
N ALA B 7 8.84 -10.84 2.85
CA ALA B 7 8.66 -10.83 1.40
C ALA B 7 9.81 -11.55 0.70
N GLU B 8 9.50 -12.13 -0.45
CA GLU B 8 10.52 -12.58 -1.38
C GLU B 8 11.16 -11.39 -2.07
N ILE B 9 12.40 -11.57 -2.54
CA ILE B 9 13.06 -10.53 -3.29
C ILE B 9 12.27 -10.22 -4.56
N GLY B 10 12.01 -8.93 -4.79
CA GLY B 10 11.25 -8.51 -5.94
C GLY B 10 9.78 -8.83 -5.91
N MET B 11 9.25 -9.23 -4.77
CA MET B 11 7.85 -9.65 -4.69
C MET B 11 6.88 -8.49 -4.84
N SER B 12 7.30 -7.30 -4.43
N SER B 12 7.27 -7.31 -4.38
CA SER B 12 6.44 -6.13 -4.38
CA SER B 12 6.42 -6.12 -4.40
C SER B 12 7.24 -4.94 -4.90
C SER B 12 7.26 -4.96 -4.90
N PRO B 13 7.58 -4.94 -6.19
CA PRO B 13 8.55 -3.95 -6.70
C PRO B 13 7.97 -2.54 -6.80
N TRP B 14 6.67 -2.40 -6.57
CA TRP B 14 6.02 -1.11 -6.46
C TRP B 14 6.04 -0.57 -5.04
N GLN B 15 6.58 -1.31 -4.07
CA GLN B 15 6.59 -0.83 -2.70
C GLN B 15 7.47 0.41 -2.58
N VAL B 16 6.97 1.41 -1.85
CA VAL B 16 7.71 2.64 -1.60
C VAL B 16 7.72 2.90 -0.10
N MET B 17 8.86 3.36 0.41
CA MET B 17 8.98 3.82 1.79
C MET B 17 8.99 5.35 1.78
N LEU B 18 8.08 5.95 2.55
CA LEU B 18 8.11 7.39 2.81
C LEU B 18 9.02 7.59 4.00
N PHE B 19 10.03 8.44 3.84
CA PHE B 19 11.12 8.57 4.79
C PHE B 19 11.28 10.03 5.18
N ARG B 20 11.31 10.27 6.48
CA ARG B 20 11.52 11.62 6.97
C ARG B 20 13.00 11.96 6.91
N LYS B 21 13.31 13.19 6.48
CA LYS B 21 14.71 13.60 6.34
C LYS B 21 15.37 13.82 7.70
N SER B 22 14.69 14.54 8.59
CA SER B 22 15.28 14.94 9.86
C SER B 22 14.19 14.98 10.93
N PRO B 23 14.20 14.08 11.92
CA PRO B 23 15.08 12.91 12.08
C PRO B 23 14.83 11.84 11.02
N GLN B 24 15.88 11.11 10.64
CA GLN B 24 15.75 10.07 9.62
C GLN B 24 14.96 8.90 10.19
N GLU B 25 13.74 8.69 9.68
CA GLU B 25 12.87 7.65 10.21
C GLU B 25 11.81 7.29 9.18
N LEU B 26 11.26 6.09 9.32
CA LEU B 26 10.17 5.68 8.44
C LEU B 26 8.91 6.44 8.82
N LEU B 27 8.23 6.98 7.81
CA LEU B 27 6.96 7.64 8.02
C LEU B 27 5.75 6.81 7.60
N CYS B 28 5.86 6.03 6.54
CA CYS B 28 4.70 5.39 5.95
C CYS B 28 5.17 4.50 4.81
N GLY B 29 4.25 3.65 4.36
CA GLY B 29 4.35 3.02 3.06
C GLY B 29 3.69 3.86 1.98
N ALA B 30 3.82 3.36 0.76
CA ALA B 30 3.37 4.04 -0.46
C ALA B 30 3.60 3.07 -1.60
N SER B 31 3.18 3.46 -2.80
CA SER B 31 3.31 2.58 -3.95
C SER B 31 3.65 3.39 -5.20
N LEU B 32 4.38 2.75 -6.11
CA LEU B 32 4.79 3.35 -7.36
C LEU B 32 3.76 3.03 -8.44
N ILE B 33 3.16 4.06 -9.04
CA ILE B 33 2.17 3.88 -10.08
C ILE B 33 2.64 4.32 -11.45
N SER B 34 3.79 4.98 -11.55
CA SER B 34 4.43 5.29 -12.82
C SER B 34 5.85 5.73 -12.48
N ASP B 35 6.61 6.16 -13.51
CA ASP B 35 7.98 6.55 -13.21
C ASP B 35 8.09 7.86 -12.45
N ARG B 36 6.98 8.60 -12.27
CA ARG B 36 7.04 9.89 -11.60
C ARG B 36 5.98 10.08 -10.51
N TRP B 37 5.08 9.12 -10.30
CA TRP B 37 3.97 9.28 -9.37
C TRP B 37 3.95 8.16 -8.34
N VAL B 38 3.75 8.56 -7.08
CA VAL B 38 3.67 7.67 -5.93
C VAL B 38 2.33 7.91 -5.23
N LEU B 39 1.64 6.83 -4.88
CA LEU B 39 0.36 6.87 -4.21
C LEU B 39 0.54 6.51 -2.73
N THR B 40 -0.18 7.21 -1.85
CA THR B 40 -0.10 6.92 -0.43
C THR B 40 -1.42 7.35 0.22
N ALA B 41 -1.47 7.19 1.54
CA ALA B 41 -2.61 7.66 2.32
C ALA B 41 -2.43 9.13 2.65
N ALA B 42 -3.53 9.91 2.57
CA ALA B 42 -3.48 11.30 2.98
C ALA B 42 -2.98 11.47 4.41
N HIS B 43 -3.36 10.57 5.32
CA HIS B 43 -2.96 10.77 6.72
C HIS B 43 -1.47 10.57 6.94
N CYS B 44 -0.75 10.03 5.97
CA CYS B 44 0.71 9.96 6.02
C CYS B 44 1.34 11.35 5.91
N LEU B 45 0.62 12.29 5.32
CA LEU B 45 1.11 13.63 5.05
C LEU B 45 0.41 14.69 5.88
N LEU B 46 -0.87 14.49 6.19
CA LEU B 46 -1.68 15.52 6.84
C LEU B 46 -2.56 14.83 7.87
N TYR B 47 -2.31 15.11 9.15
CA TYR B 47 -3.14 14.60 10.23
C TYR B 47 -3.05 15.55 11.41
N PRO B 48 -3.85 16.62 11.40
CA PRO B 48 -3.75 17.69 12.41
C PRO B 48 -3.91 17.21 13.84
N PRO B 49 -4.73 16.18 14.12
CA PRO B 49 -4.81 15.73 15.53
C PRO B 49 -3.47 15.36 16.13
N TRP B 50 -2.51 14.93 15.30
CA TRP B 50 -1.17 14.58 15.73
C TRP B 50 -0.14 15.60 15.28
N ASP B 51 -0.57 16.81 14.92
CA ASP B 51 0.33 17.87 14.50
C ASP B 51 1.19 17.45 13.31
N LYS B 52 0.61 16.63 12.44
CA LYS B 52 1.32 16.20 11.25
C LYS B 52 0.86 17.01 10.04
N ASN B 53 1.80 17.69 9.39
CA ASN B 53 1.52 18.42 8.18
C ASN B 53 2.78 18.61 7.40
N PHE B 54 3.18 17.58 6.64
CA PHE B 54 4.47 17.60 5.97
C PHE B 54 4.44 18.41 4.68
N THR B 55 5.56 19.03 4.37
CA THR B 55 5.79 19.68 3.08
C THR B 55 6.75 18.82 2.27
N GLU B 56 6.86 19.14 0.98
CA GLU B 56 7.67 18.32 0.09
C GLU B 56 9.09 18.17 0.59
N ASN B 57 9.69 19.26 1.09
CA ASN B 57 11.11 19.19 1.44
C ASN B 57 11.35 18.46 2.75
N ASP B 58 10.30 18.08 3.47
CA ASP B 58 10.46 17.30 4.69
C ASP B 58 10.79 15.84 4.43
N LEU B 59 10.60 15.37 3.20
CA LEU B 59 10.37 13.95 2.94
C LEU B 59 11.25 13.46 1.80
N LEU B 60 11.50 12.16 1.81
CA LEU B 60 12.08 11.45 0.69
C LEU B 60 11.26 10.20 0.45
N VAL B 61 11.35 9.66 -0.76
CA VAL B 61 10.81 8.34 -1.03
C VAL B 61 11.94 7.41 -1.40
N ARG B 62 11.88 6.20 -0.86
CA ARG B 62 12.89 5.17 -1.09
C ARG B 62 12.20 4.01 -1.78
N ILE B 63 12.69 3.65 -2.97
CA ILE B 63 12.01 2.73 -3.87
C ILE B 63 12.96 1.56 -4.12
N GLY B 64 12.41 0.37 -4.26
CA GLY B 64 13.21 -0.81 -4.47
C GLY B 64 13.70 -1.48 -3.22
N LYS B 65 13.17 -1.14 -2.05
CA LYS B 65 13.71 -1.61 -0.80
C LYS B 65 13.17 -2.98 -0.40
N HIS B 66 13.96 -3.65 0.42
CA HIS B 66 13.58 -4.91 1.06
C HIS B 66 13.88 -4.78 2.55
N SER B 67 15.15 -4.59 2.91
CA SER B 67 15.49 -4.28 4.28
C SER B 67 14.82 -3.00 4.76
N ARG B 68 14.34 -3.01 6.00
CA ARG B 68 13.75 -1.80 6.58
C ARG B 68 14.81 -0.72 6.80
N THR B 69 15.89 -1.05 7.49
CA THR B 69 16.79 -0.04 8.03
C THR B 69 18.07 0.17 7.23
N ARG B 70 18.46 -0.80 6.40
N ARG B 70 18.46 -0.75 6.39
CA ARG B 70 19.72 -0.72 5.67
CA ARG B 70 19.77 -0.63 5.78
C ARG B 70 19.62 0.27 4.51
C ARG B 70 19.69 0.11 4.45
N TYR B 71 20.75 0.87 4.15
CA TYR B 71 20.87 1.56 2.87
C TYR B 71 21.26 0.52 1.82
N GLU B 72 20.33 0.18 0.94
CA GLU B 72 20.49 -0.95 0.03
C GLU B 72 21.17 -0.48 -1.24
N ARG B 73 22.47 -0.29 -1.09
CA ARG B 73 23.32 0.23 -2.14
C ARG B 73 23.18 -0.60 -3.43
N ASN B 74 23.06 0.11 -4.56
CA ASN B 74 22.94 -0.45 -5.90
C ASN B 74 21.59 -1.10 -6.19
N ILE B 75 20.63 -1.00 -5.26
CA ILE B 75 19.32 -1.61 -5.41
C ILE B 75 18.24 -0.56 -5.20
N GLU B 76 18.18 0.03 -4.01
CA GLU B 76 17.17 1.05 -3.81
C GLU B 76 17.56 2.34 -4.51
N LYS B 77 16.54 3.15 -4.79
CA LYS B 77 16.72 4.48 -5.36
C LYS B 77 15.93 5.46 -4.50
N ILE B 78 16.54 6.61 -4.24
CA ILE B 78 15.97 7.62 -3.36
C ILE B 78 15.61 8.83 -4.20
N SER B 79 14.36 9.30 -4.06
CA SER B 79 13.85 10.38 -4.88
C SER B 79 13.30 11.51 -4.01
N MET B 80 13.48 12.72 -4.48
N MET B 80 13.49 12.73 -4.49
CA MET B 80 12.91 13.91 -3.85
CA MET B 80 12.90 13.92 -3.90
C MET B 80 11.53 14.18 -4.44
C MET B 80 11.49 14.11 -4.41
N LEU B 81 10.71 14.88 -3.66
CA LEU B 81 9.33 15.19 -4.05
C LEU B 81 9.27 16.55 -4.72
N GLU B 82 8.60 16.60 -5.87
CA GLU B 82 8.27 17.89 -6.48
C GLU B 82 7.02 18.50 -5.84
N LYS B 83 5.98 17.70 -5.63
CA LYS B 83 4.72 18.26 -5.13
C LYS B 83 3.88 17.14 -4.52
N ILE B 84 3.18 17.49 -3.44
CA ILE B 84 2.18 16.65 -2.78
C ILE B 84 0.79 17.13 -3.19
N TYR B 85 -0.12 16.17 -3.41
CA TYR B 85 -1.53 16.47 -3.70
C TYR B 85 -2.38 15.60 -2.80
N ILE B 86 -3.19 16.22 -1.96
CA ILE B 86 -4.08 15.53 -1.05
C ILE B 86 -5.49 15.67 -1.56
N HIS B 87 -6.30 14.62 -1.43
CA HIS B 87 -7.68 14.71 -1.88
C HIS B 87 -8.35 15.91 -1.21
N PRO B 88 -9.07 16.75 -1.97
CA PRO B 88 -9.63 17.97 -1.37
C PRO B 88 -10.74 17.70 -0.37
N ARG B 89 -11.32 16.51 -0.36
CA ARG B 89 -12.38 16.16 0.58
C ARG B 89 -11.91 15.06 1.54
N TYR B 90 -10.61 14.89 1.68
CA TYR B 90 -10.06 14.03 2.73
C TYR B 90 -10.57 14.48 4.09
N ASN B 91 -11.15 13.54 4.84
CA ASN B 91 -11.80 13.84 6.11
C ASN B 91 -10.90 13.36 7.25
N TRP B 92 -9.95 14.22 7.65
CA TRP B 92 -9.12 13.92 8.80
C TRP B 92 -9.83 14.20 10.12
N ARG B 93 -10.95 14.93 10.07
N ARG B 93 -10.95 14.90 10.07
CA ARG B 93 -11.64 15.29 11.31
CA ARG B 93 -11.64 15.30 11.30
C ARG B 93 -12.31 14.08 11.95
C ARG B 93 -12.42 14.16 11.94
N GLU B 94 -12.91 13.21 11.14
CA GLU B 94 -13.83 12.20 11.63
C GLU B 94 -13.31 10.79 11.41
N ASN B 95 -13.29 10.30 10.16
CA ASN B 95 -13.14 8.88 9.90
C ASN B 95 -12.18 8.55 8.77
N LEU B 96 -11.32 9.49 8.38
CA LEU B 96 -10.36 9.27 7.30
C LEU B 96 -11.06 8.96 5.97
N ASP B 97 -12.27 9.46 5.75
CA ASP B 97 -12.89 9.30 4.45
C ASP B 97 -11.99 9.93 3.38
N ARG B 98 -11.87 9.24 2.24
CA ARG B 98 -11.07 9.69 1.10
C ARG B 98 -9.60 9.86 1.48
N ASP B 99 -9.04 8.81 2.09
CA ASP B 99 -7.69 8.83 2.64
C ASP B 99 -6.69 8.50 1.54
N ILE B 100 -6.40 9.49 0.71
CA ILE B 100 -5.60 9.26 -0.49
C ILE B 100 -4.80 10.52 -0.81
N ALA B 101 -3.58 10.31 -1.28
CA ALA B 101 -2.70 11.40 -1.69
C ALA B 101 -1.74 10.90 -2.76
N LEU B 102 -1.30 11.83 -3.58
CA LEU B 102 -0.31 11.57 -4.62
C LEU B 102 0.92 12.43 -4.37
N MET B 103 2.08 11.89 -4.74
CA MET B 103 3.34 12.61 -4.68
C MET B 103 4.01 12.50 -6.04
N LYS B 104 4.34 13.63 -6.64
CA LYS B 104 5.06 13.68 -7.90
C LYS B 104 6.56 13.79 -7.60
N LEU B 105 7.35 12.93 -8.22
CA LEU B 105 8.79 12.94 -8.00
C LEU B 105 9.45 14.03 -8.81
N LYS B 106 10.58 14.54 -8.29
CA LYS B 106 11.30 15.59 -9.00
C LYS B 106 11.83 15.07 -10.34
N LYS B 107 12.25 13.82 -10.39
CA LYS B 107 12.81 13.23 -11.59
C LYS B 107 12.28 11.81 -11.71
N PRO B 108 12.17 11.28 -12.92
CA PRO B 108 11.66 9.91 -13.06
C PRO B 108 12.63 8.90 -12.46
N VAL B 109 12.07 7.86 -11.86
CA VAL B 109 12.88 6.77 -11.32
C VAL B 109 13.08 5.72 -12.40
N ALA B 110 14.28 5.16 -12.43
CA ALA B 110 14.60 4.10 -13.38
C ALA B 110 14.04 2.77 -12.88
N PHE B 111 13.29 2.09 -13.75
CA PHE B 111 12.78 0.77 -13.38
C PHE B 111 13.92 -0.25 -13.42
N SER B 112 13.75 -1.33 -12.67
CA SER B 112 14.75 -2.38 -12.52
C SER B 112 14.05 -3.66 -12.10
N ASP B 113 14.83 -4.69 -11.77
CA ASP B 113 14.23 -5.91 -11.24
C ASP B 113 13.49 -5.66 -9.94
N TYR B 114 13.84 -4.59 -9.22
CA TYR B 114 13.35 -4.30 -7.88
C TYR B 114 12.37 -3.13 -7.85
N ILE B 115 12.18 -2.45 -8.97
CA ILE B 115 11.44 -1.19 -9.05
C ILE B 115 10.54 -1.29 -10.28
N HIS B 116 9.22 -1.33 -10.07
CA HIS B 116 8.31 -1.50 -11.18
C HIS B 116 6.92 -1.07 -10.73
N PRO B 117 6.13 -0.40 -11.56
CA PRO B 117 4.84 0.11 -11.11
C PRO B 117 3.73 -0.93 -11.07
N VAL B 118 2.80 -0.71 -10.16
CA VAL B 118 1.58 -1.50 -10.05
C VAL B 118 0.51 -0.86 -10.94
N CYS B 119 -0.47 -1.66 -11.37
CA CYS B 119 -1.60 -1.10 -12.12
C CYS B 119 -2.65 -0.54 -11.18
N LEU B 120 -3.39 0.43 -11.66
CA LEU B 120 -4.60 0.86 -10.98
C LEU B 120 -5.82 0.24 -11.65
N PRO B 121 -6.82 -0.17 -10.88
CA PRO B 121 -7.95 -0.89 -11.48
C PRO B 121 -8.83 0.00 -12.33
N ASP B 122 -9.45 -0.59 -13.34
N ASP B 122 -9.42 -0.64 -13.35
CA ASP B 122 -10.57 0.06 -13.98
CA ASP B 122 -10.56 -0.14 -14.10
C ASP B 122 -11.86 -0.52 -13.40
C ASP B 122 -11.85 -0.46 -13.34
N ARG B 123 -12.99 0.02 -13.86
CA ARG B 123 -14.27 -0.29 -13.23
C ARG B 123 -14.53 -1.79 -13.23
N GLU B 124 -14.20 -2.47 -14.33
CA GLU B 124 -14.54 -3.88 -14.47
C GLU B 124 -13.65 -4.75 -13.58
N THR B 125 -12.35 -4.46 -13.53
N THR B 125 -12.36 -4.44 -13.51
CA THR B 125 -11.49 -5.21 -12.63
CA THR B 125 -11.50 -5.23 -12.64
C THR B 125 -11.94 -5.04 -11.19
C THR B 125 -11.85 -5.02 -11.18
N ALA B 126 -12.30 -3.82 -10.80
CA ALA B 126 -12.78 -3.59 -9.44
C ALA B 126 -14.07 -4.37 -9.18
N ALA B 127 -15.02 -4.32 -10.10
CA ALA B 127 -16.28 -5.03 -9.89
C ALA B 127 -16.04 -6.53 -9.77
N SER B 128 -15.09 -7.04 -10.54
N SER B 128 -15.14 -7.06 -10.58
CA SER B 128 -14.84 -8.48 -10.62
CA SER B 128 -14.89 -8.50 -10.54
C SER B 128 -13.99 -9.01 -9.48
C SER B 128 -14.21 -8.92 -9.25
N LEU B 129 -13.22 -8.16 -8.80
CA LEU B 129 -12.32 -8.61 -7.75
C LEU B 129 -12.68 -8.16 -6.36
N LEU B 130 -13.38 -7.03 -6.22
CA LEU B 130 -13.69 -6.48 -4.89
C LEU B 130 -14.96 -7.14 -4.35
N GLN B 131 -14.80 -8.38 -3.95
CA GLN B 131 -15.91 -9.22 -3.50
C GLN B 131 -15.50 -9.89 -2.20
N ALA B 132 -16.46 -10.03 -1.30
CA ALA B 132 -16.21 -10.68 -0.02
C ALA B 132 -15.64 -12.07 -0.25
N GLY B 133 -14.60 -12.39 0.52
CA GLY B 133 -13.91 -13.66 0.42
C GLY B 133 -12.71 -13.64 -0.50
N TYR B 134 -12.69 -12.74 -1.49
CA TYR B 134 -11.55 -12.65 -2.39
C TYR B 134 -10.39 -12.04 -1.62
N LYS B 135 -9.20 -12.62 -1.77
CA LYS B 135 -8.05 -12.19 -1.00
C LYS B 135 -7.19 -11.20 -1.77
N GLY B 136 -6.67 -10.22 -1.03
CA GLY B 136 -5.61 -9.37 -1.50
C GLY B 136 -4.39 -9.49 -0.61
N ARG B 137 -3.38 -8.70 -0.93
CA ARG B 137 -2.09 -8.79 -0.30
C ARG B 137 -1.65 -7.42 0.19
N VAL B 138 -1.25 -7.34 1.44
CA VAL B 138 -0.80 -6.11 2.07
C VAL B 138 0.66 -6.25 2.46
N THR B 139 1.43 -5.18 2.23
CA THR B 139 2.86 -5.20 2.48
C THR B 139 3.29 -3.95 3.24
N GLY B 140 4.28 -4.10 4.11
CA GLY B 140 4.81 -2.95 4.79
C GLY B 140 5.89 -3.29 5.79
N TRP B 141 6.49 -2.22 6.30
CA TRP B 141 7.56 -2.28 7.29
C TRP B 141 7.08 -1.84 8.66
N GLY B 142 5.78 -1.78 8.88
CA GLY B 142 5.21 -1.36 10.13
C GLY B 142 5.33 -2.41 11.22
N ASN B 143 4.70 -2.09 12.35
CA ASN B 143 4.87 -2.88 13.56
C ASN B 143 4.41 -4.31 13.38
N LEU B 144 5.18 -5.22 13.98
CA LEU B 144 4.85 -6.64 13.95
C LEU B 144 3.78 -7.00 14.95
N LYS B 145 3.49 -6.12 15.92
CA LYS B 145 2.49 -6.38 16.94
C LYS B 145 1.89 -5.07 17.36
N GLU B 146 0.67 -5.13 17.88
CA GLU B 146 -0.01 -3.92 18.31
C GLU B 146 0.82 -3.16 19.34
N THR B 147 1.40 -3.87 20.30
CA THR B 147 2.19 -3.21 21.33
C THR B 147 3.50 -3.94 21.57
N GLY B 155 8.76 -6.23 17.63
CA GLY B 155 8.76 -4.79 17.41
C GLY B 155 8.61 -4.43 15.95
N GLN B 156 9.75 -4.11 15.31
CA GLN B 156 9.79 -3.75 13.91
C GLN B 156 10.54 -4.82 13.12
N PRO B 157 10.21 -4.99 11.85
CA PRO B 157 10.80 -6.09 11.06
C PRO B 157 12.15 -5.73 10.46
N SER B 158 12.95 -6.78 10.23
CA SER B 158 14.19 -6.59 9.48
C SER B 158 13.93 -6.30 8.02
N VAL B 159 12.94 -6.97 7.41
CA VAL B 159 12.67 -6.82 5.99
C VAL B 159 11.17 -6.66 5.78
N LEU B 160 10.81 -6.24 4.58
CA LEU B 160 9.43 -6.03 4.21
C LEU B 160 8.58 -7.27 4.53
N GLN B 161 7.41 -7.02 5.10
CA GLN B 161 6.47 -8.08 5.48
C GLN B 161 5.28 -8.11 4.53
N VAL B 162 4.69 -9.30 4.40
CA VAL B 162 3.59 -9.54 3.48
CA VAL B 162 3.61 -9.57 3.46
C VAL B 162 2.55 -10.39 4.18
N VAL B 163 1.28 -10.08 3.94
CA VAL B 163 0.17 -10.90 4.42
C VAL B 163 -0.97 -10.87 3.41
N ASN B 164 -1.59 -12.02 3.19
CA ASN B 164 -2.76 -12.14 2.32
C ASN B 164 -3.99 -12.20 3.19
N LEU B 165 -5.03 -11.42 2.84
CA LEU B 165 -6.21 -11.27 3.68
C LEU B 165 -7.47 -11.20 2.83
N PRO B 166 -8.57 -11.81 3.28
CA PRO B 166 -9.82 -11.75 2.52
C PRO B 166 -10.60 -10.46 2.76
N ILE B 167 -11.18 -9.96 1.67
CA ILE B 167 -12.15 -8.86 1.77
C ILE B 167 -13.35 -9.35 2.55
N VAL B 168 -13.91 -8.47 3.38
CA VAL B 168 -15.00 -8.81 4.27
C VAL B 168 -16.28 -8.12 3.81
N GLU B 169 -17.41 -8.80 4.03
CA GLU B 169 -18.72 -8.27 3.70
C GLU B 169 -18.95 -6.92 4.39
N ARG B 170 -19.53 -5.97 3.64
N ARG B 170 -19.53 -5.97 3.64
CA ARG B 170 -19.68 -4.63 4.19
CA ARG B 170 -19.68 -4.62 4.18
C ARG B 170 -20.46 -4.59 5.50
C ARG B 170 -20.47 -4.59 5.49
N PRO B 171 -21.55 -5.35 5.68
CA PRO B 171 -22.25 -5.30 6.97
C PRO B 171 -21.39 -5.76 8.12
N VAL B 172 -20.51 -6.73 7.88
CA VAL B 172 -19.61 -7.20 8.91
C VAL B 172 -18.58 -6.12 9.24
N CYS B 173 -18.03 -5.46 8.23
CA CYS B 173 -17.15 -4.32 8.48
C CYS B 173 -17.85 -3.30 9.35
N LYS B 174 -19.07 -2.93 8.96
CA LYS B 174 -19.79 -1.87 9.68
C LYS B 174 -20.06 -2.26 11.13
N ASP B 175 -20.44 -3.51 11.36
CA ASP B 175 -20.81 -4.01 12.67
C ASP B 175 -19.60 -4.25 13.58
N SER B 176 -18.38 -4.09 13.06
CA SER B 176 -17.17 -4.35 13.83
C SER B 176 -16.65 -3.11 14.54
N THR B 177 -17.26 -1.94 14.29
CA THR B 177 -16.68 -0.67 14.73
C THR B 177 -17.81 0.32 14.96
N ARG B 178 -17.51 1.33 15.79
CA ARG B 178 -18.40 2.48 15.95
C ARG B 178 -18.08 3.61 14.99
N ILE B 179 -16.94 3.54 14.30
CA ILE B 179 -16.55 4.57 13.35
C ILE B 179 -17.45 4.45 12.13
N ARG B 180 -17.82 5.58 11.55
CA ARG B 180 -18.69 5.58 10.39
C ARG B 180 -17.92 5.16 9.15
N ILE B 181 -18.35 4.10 8.51
CA ILE B 181 -17.72 3.59 7.29
C ILE B 181 -18.38 4.26 6.09
N THR B 182 -17.64 4.40 4.99
CA THR B 182 -18.18 4.97 3.77
C THR B 182 -17.83 4.07 2.59
N ASP B 183 -18.47 4.37 1.45
CA ASP B 183 -18.20 3.64 0.22
C ASP B 183 -16.78 3.85 -0.29
N ASN B 184 -16.05 4.83 0.26
CA ASN B 184 -14.64 5.04 -0.11
C ASN B 184 -13.69 4.17 0.69
N MET B 185 -14.22 3.20 1.43
CA MET B 185 -13.44 2.28 2.25
C MET B 185 -13.92 0.87 2.00
N PHE B 186 -13.02 -0.09 2.19
CA PHE B 186 -13.43 -1.48 2.38
C PHE B 186 -12.61 -2.07 3.53
N CYS B 187 -13.05 -3.20 4.07
CA CYS B 187 -12.25 -3.83 5.12
C CYS B 187 -11.88 -5.26 4.74
N ALA B 188 -10.82 -5.75 5.38
CA ALA B 188 -10.28 -7.07 5.09
C ALA B 188 -9.65 -7.64 6.35
N GLY B 189 -9.61 -8.97 6.39
CA GLY B 189 -9.09 -9.72 7.51
C GLY B 189 -9.91 -10.95 7.76
N TYR B 190 -9.36 -11.85 8.56
CA TYR B 190 -10.08 -13.06 8.92
C TYR B 190 -11.02 -12.81 10.09
N LYS B 191 -12.10 -13.59 10.11
CA LYS B 191 -13.04 -13.57 11.22
C LYS B 191 -12.51 -14.47 12.33
N PRO B 192 -12.97 -14.28 13.57
CA PRO B 192 -12.47 -15.15 14.66
C PRO B 192 -12.63 -16.64 14.39
N ASP B 193 -13.76 -17.05 13.79
CA ASP B 193 -13.99 -18.47 13.53
C ASP B 193 -13.15 -19.01 12.38
N GLU B 194 -12.49 -18.16 11.61
CA GLU B 194 -11.69 -18.61 10.48
C GLU B 194 -10.29 -19.09 10.88
N GLY B 195 -9.87 -18.85 12.13
CA GLY B 195 -8.59 -19.37 12.60
C GLY B 195 -7.39 -18.54 12.21
N LYS B 196 -7.19 -18.36 10.89
CA LYS B 196 -6.03 -17.63 10.40
C LYS B 196 -6.07 -16.19 10.88
N ARG B 197 -4.93 -15.53 10.83
CA ARG B 197 -4.77 -14.20 11.39
C ARG B 197 -4.03 -13.31 10.41
N GLY B 198 -3.86 -12.06 10.77
CA GLY B 198 -3.06 -11.12 10.01
C GLY B 198 -3.73 -9.78 9.88
N ASP B 199 -2.91 -8.73 9.80
CA ASP B 199 -3.43 -7.36 9.72
C ASP B 199 -2.30 -6.42 9.38
N ALA B 200 -2.68 -5.25 8.88
CA ALA B 200 -1.79 -4.10 8.89
C ALA B 200 -1.72 -3.51 10.30
N CYS B 201 -0.73 -2.66 10.53
CA CYS B 201 -0.55 -2.05 11.84
C CYS B 201 0.07 -0.68 11.65
N GLU B 202 0.29 0.02 12.76
CA GLU B 202 0.93 1.32 12.67
C GLU B 202 2.28 1.17 11.98
N GLY B 203 2.58 2.10 11.06
CA GLY B 203 3.74 2.06 10.22
C GLY B 203 3.48 1.49 8.84
N ASP B 204 2.39 0.74 8.67
CA ASP B 204 2.00 0.22 7.36
C ASP B 204 1.11 1.18 6.59
N SER B 205 0.63 2.23 7.25
CA SER B 205 -0.15 3.29 6.61
C SER B 205 0.39 3.64 5.25
N GLY B 206 -0.51 3.79 4.28
CA GLY B 206 -0.14 4.26 2.97
C GLY B 206 0.31 3.19 2.02
N GLY B 207 0.62 1.99 2.51
CA GLY B 207 1.04 0.92 1.65
C GLY B 207 -0.12 0.30 0.90
N PRO B 208 0.20 -0.56 -0.06
CA PRO B 208 -0.82 -1.07 -0.97
C PRO B 208 -1.47 -2.38 -0.53
N PHE B 209 -2.75 -2.50 -0.88
CA PHE B 209 -3.53 -3.75 -0.87
C PHE B 209 -3.70 -4.10 -2.35
N VAL B 210 -3.04 -5.18 -2.79
CA VAL B 210 -3.02 -5.56 -4.20
C VAL B 210 -3.70 -6.91 -4.42
N MET B 211 -4.16 -7.11 -5.66
CA MET B 211 -4.81 -8.35 -6.09
C MET B 211 -4.24 -8.70 -7.46
N LYS B 212 -4.07 -9.98 -7.73
CA LYS B 212 -3.56 -10.41 -9.03
C LYS B 212 -4.74 -10.85 -9.88
N SER B 213 -5.01 -10.10 -10.93
CA SER B 213 -6.16 -10.43 -11.74
C SER B 213 -5.99 -11.81 -12.36
N PRO B 214 -6.98 -12.70 -12.22
CA PRO B 214 -6.90 -14.00 -12.90
C PRO B 214 -7.25 -13.93 -14.38
N PHE B 215 -7.68 -12.75 -14.84
CA PHE B 215 -8.03 -12.55 -16.24
C PHE B 215 -6.80 -12.22 -17.07
N ASN B 216 -5.91 -11.36 -16.56
CA ASN B 216 -4.75 -10.94 -17.34
C ASN B 216 -3.44 -11.11 -16.59
N ASN B 217 -3.46 -11.70 -15.40
CA ASN B 217 -2.26 -12.05 -14.64
C ASN B 217 -1.41 -10.84 -14.28
N ARG B 218 -2.04 -9.68 -14.09
CA ARG B 218 -1.39 -8.46 -13.64
C ARG B 218 -1.85 -8.08 -12.24
N TRP B 219 -0.95 -7.47 -11.49
CA TRP B 219 -1.27 -6.96 -10.16
C TRP B 219 -1.88 -5.57 -10.23
N TYR B 220 -2.97 -5.41 -9.50
CA TYR B 220 -3.73 -4.17 -9.37
C TYR B 220 -3.76 -3.74 -7.91
N GLN B 221 -3.62 -2.44 -7.68
CA GLN B 221 -3.76 -1.89 -6.33
C GLN B 221 -5.20 -1.49 -6.10
N MET B 222 -5.89 -2.28 -5.28
CA MET B 222 -7.29 -2.01 -4.97
C MET B 222 -7.47 -1.15 -3.74
N GLY B 223 -6.49 -1.15 -2.81
CA GLY B 223 -6.64 -0.43 -1.57
C GLY B 223 -5.35 0.22 -1.12
N ILE B 224 -5.49 1.10 -0.13
CA ILE B 224 -4.38 1.75 0.56
C ILE B 224 -4.61 1.49 2.05
N VAL B 225 -3.56 1.06 2.76
CA VAL B 225 -3.69 0.90 4.23
C VAL B 225 -4.12 2.23 4.83
N SER B 226 -5.29 2.25 5.47
CA SER B 226 -5.87 3.48 6.01
C SER B 226 -6.00 3.47 7.52
N TRP B 227 -6.77 2.55 8.12
CA TRP B 227 -7.00 2.62 9.55
C TRP B 227 -7.45 1.29 10.11
N GLY B 228 -7.37 1.18 11.43
CA GLY B 228 -7.88 0.05 12.16
C GLY B 228 -7.87 0.41 13.63
N GLU B 229 -8.48 -0.45 14.43
CA GLU B 229 -8.53 -0.26 15.87
C GLU B 229 -7.69 -1.36 16.49
N GLY B 230 -6.49 -1.00 16.91
CA GLY B 230 -5.49 -2.00 17.24
C GLY B 230 -4.98 -2.68 15.98
N CYS B 231 -4.28 -3.79 16.20
CA CYS B 231 -3.75 -4.59 15.10
C CYS B 231 -4.05 -6.05 15.37
N ASP B 232 -4.66 -6.71 14.40
CA ASP B 232 -4.93 -8.15 14.44
C ASP B 232 -5.78 -8.53 15.65
N ARG B 233 -6.72 -7.68 16.04
CA ARG B 233 -7.63 -8.03 17.12
C ARG B 233 -8.77 -8.90 16.61
N ASP B 234 -9.14 -9.90 17.40
CA ASP B 234 -10.32 -10.71 17.07
C ASP B 234 -11.55 -9.80 16.96
N GLY B 235 -12.29 -9.97 15.86
CA GLY B 235 -13.53 -9.24 15.65
C GLY B 235 -13.34 -7.84 15.09
N LYS B 236 -12.11 -7.40 14.86
CA LYS B 236 -11.81 -6.15 14.20
C LYS B 236 -11.21 -6.48 12.84
N TYR B 237 -11.21 -5.48 11.95
CA TYR B 237 -10.71 -5.63 10.59
C TYR B 237 -9.90 -4.40 10.24
N GLY B 238 -8.98 -4.56 9.29
CA GLY B 238 -8.28 -3.41 8.76
C GLY B 238 -9.12 -2.76 7.67
N PHE B 239 -9.04 -1.43 7.62
CA PHE B 239 -9.76 -0.62 6.63
C PHE B 239 -8.80 0.00 5.63
N TYR B 240 -9.24 0.03 4.38
CA TYR B 240 -8.43 0.37 3.23
C TYR B 240 -9.18 1.38 2.39
N THR B 241 -8.45 2.37 1.89
CA THR B 241 -9.02 3.30 0.94
C THR B 241 -9.37 2.57 -0.34
N HIS B 242 -10.58 2.83 -0.87
CA HIS B 242 -11.09 2.20 -2.09
C HIS B 242 -10.53 2.95 -3.29
N VAL B 243 -9.44 2.44 -3.87
CA VAL B 243 -8.71 3.18 -4.90
C VAL B 243 -9.60 3.45 -6.10
N PHE B 244 -10.34 2.44 -6.58
CA PHE B 244 -11.14 2.67 -7.77
C PHE B 244 -12.14 3.80 -7.55
N ARG B 245 -12.81 3.84 -6.39
CA ARG B 245 -13.81 4.86 -6.16
C ARG B 245 -13.23 6.27 -6.24
N LEU B 246 -11.93 6.43 -6.01
CA LEU B 246 -11.25 7.71 -6.01
C LEU B 246 -10.39 7.90 -7.26
N LYS B 247 -10.56 7.02 -8.26
CA LYS B 247 -9.68 7.06 -9.41
C LYS B 247 -9.91 8.30 -10.28
N LYS B 248 -11.13 8.83 -10.32
CA LYS B 248 -11.34 10.02 -11.12
C LYS B 248 -10.50 11.18 -10.59
N TRP B 249 -10.35 11.27 -9.27
CA TRP B 249 -9.46 12.28 -8.69
C TRP B 249 -8.00 12.01 -9.06
N ILE B 250 -7.56 10.76 -8.95
CA ILE B 250 -6.19 10.42 -9.33
C ILE B 250 -5.93 10.88 -10.76
N GLN B 251 -6.83 10.52 -11.67
CA GLN B 251 -6.62 10.84 -13.07
C GLN B 251 -6.64 12.35 -13.31
N LYS B 252 -7.51 13.07 -12.60
CA LYS B 252 -7.56 14.52 -12.73
C LYS B 252 -6.22 15.15 -12.35
N VAL B 253 -5.64 14.69 -11.23
CA VAL B 253 -4.37 15.25 -10.78
C VAL B 253 -3.26 14.93 -11.77
N ILE B 254 -3.16 13.68 -12.20
CA ILE B 254 -2.09 13.32 -13.13
C ILE B 254 -2.25 14.05 -14.46
N ASP B 255 -3.49 14.14 -14.96
CA ASP B 255 -3.72 14.83 -16.24
C ASP B 255 -3.36 16.30 -16.15
N GLN B 256 -3.63 16.93 -15.01
CA GLN B 256 -3.44 18.36 -14.84
C GLN B 256 -1.98 18.72 -14.56
N PHE B 257 -1.27 17.86 -13.82
CA PHE B 257 0.04 18.22 -13.28
C PHE B 257 1.19 17.35 -13.80
N GLY B 258 0.89 16.39 -14.66
CA GLY B 258 1.91 15.53 -15.24
N ASP C 1 18.01 1.72 14.73
CA ASP C 1 17.47 2.71 13.80
C ASP C 1 18.11 2.53 12.41
N PHE C 2 18.22 3.61 11.65
CA PHE C 2 18.43 3.53 10.22
C PHE C 2 19.87 3.84 9.83
N GLU C 3 20.40 3.05 8.91
CA GLU C 3 21.69 3.34 8.33
C GLU C 3 21.63 4.68 7.61
N GLU C 4 22.69 5.48 7.76
CA GLU C 4 22.73 6.79 7.11
C GLU C 4 22.64 6.61 5.60
N ILE C 5 21.92 7.53 4.95
CA ILE C 5 21.83 7.52 3.50
C ILE C 5 22.82 8.50 2.93
N PRO C 6 23.23 8.35 1.67
CA PRO C 6 24.20 9.28 1.08
C PRO C 6 23.75 10.72 1.21
N GLU C 7 24.73 11.59 1.52
CA GLU C 7 24.44 13.01 1.74
C GLU C 7 23.80 13.67 0.52
N GLU C 8 24.07 13.14 -0.67
CA GLU C 8 23.53 13.74 -1.90
C GLU C 8 22.00 13.83 -1.86
N LEU C 10 20.22 14.48 0.77
CA LEU C 10 19.77 15.42 1.79
C LEU C 10 20.34 16.81 1.46
#